data_2N7X
#
_entry.id   2N7X
#
_entity_poly.entity_id   1
_entity_poly.type   'polyribonucleotide'
_entity_poly.pdbx_seq_one_letter_code
;GGUAGUUUUGGCAUGACUCUACC
;
_entity_poly.pdbx_strand_id   A
#